data_6K6R
#
_entry.id   6K6R
#
_cell.length_a   79.753
_cell.length_b   79.753
_cell.length_c   110.382
_cell.angle_alpha   90.000
_cell.angle_beta   90.000
_cell.angle_gamma   90.000
#
_symmetry.space_group_name_H-M   'I 41'
#
loop_
_entity.id
_entity.type
_entity.pdbx_description
1 polymer 'Thiosulfate sulfurtransferase RDL2, mitochondrial'
2 water water
#
_entity_poly.entity_id   1
_entity_poly.type   'polypeptide(L)'
_entity_poly.pdbx_seq_one_letter_code
;MFKHSTGILSRTVSARSPTLVLRTFTTKAPKIYTFDQVRNLVEHPNDKKLLVDVREPKEVKDYKMPTTINIPVNSAPGAL
GLPEKEFHKVFQFAKPPHDKELIFL(CSS)AKGVRAKTAEELARSYGYENTGIYPGSITEWLAKGGADVKPKK
;
_entity_poly.pdbx_strand_id   A,D
#
# COMPACT_ATOMS: atom_id res chain seq x y z
N PHE A 25 -7.97 -30.55 -2.85
CA PHE A 25 -6.71 -29.88 -2.53
C PHE A 25 -5.61 -30.34 -3.48
N THR A 26 -5.60 -29.79 -4.69
CA THR A 26 -4.62 -30.20 -5.69
C THR A 26 -3.22 -29.76 -5.29
N THR A 27 -2.25 -30.35 -5.97
CA THR A 27 -0.85 -29.97 -5.84
C THR A 27 -0.41 -28.95 -6.89
N LYS A 28 -1.31 -28.57 -7.80
CA LYS A 28 -0.96 -27.65 -8.86
C LYS A 28 -0.81 -26.24 -8.31
N ALA A 29 0.41 -25.70 -8.41
CA ALA A 29 0.68 -24.35 -7.97
C ALA A 29 -0.09 -23.34 -8.83
N PRO A 30 -0.38 -22.16 -8.28
CA PRO A 30 -1.13 -21.16 -9.06
C PRO A 30 -0.33 -20.63 -10.25
N LYS A 31 -1.05 -20.29 -11.30
CA LYS A 31 -0.43 -19.72 -12.49
C LYS A 31 -0.01 -18.28 -12.21
N ILE A 32 1.22 -17.94 -12.60
CA ILE A 32 1.79 -16.63 -12.32
C ILE A 32 1.41 -15.67 -13.44
N TYR A 33 0.83 -14.54 -13.08
CA TYR A 33 0.39 -13.52 -14.03
C TYR A 33 1.27 -12.30 -13.94
N THR A 34 1.42 -11.59 -15.06
CA THR A 34 2.22 -10.39 -15.14
C THR A 34 1.33 -9.16 -15.17
N PHE A 35 1.95 -7.98 -15.19
CA PHE A 35 1.19 -6.74 -15.25
C PHE A 35 0.31 -6.68 -16.49
N ASP A 36 0.88 -7.02 -17.65
CA ASP A 36 0.13 -6.94 -18.90
C ASP A 36 -1.03 -7.92 -18.92
N GLN A 37 -0.82 -9.14 -18.40
CA GLN A 37 -1.91 -10.11 -18.35
C GLN A 37 -3.03 -9.65 -17.42
N VAL A 38 -2.69 -8.94 -16.35
CA VAL A 38 -3.72 -8.39 -15.47
C VAL A 38 -4.35 -7.16 -16.10
N ARG A 39 -3.55 -6.34 -16.78
CA ARG A 39 -4.10 -5.18 -17.48
C ARG A 39 -5.04 -5.61 -18.59
N ASN A 40 -4.72 -6.72 -19.27
CA ASN A 40 -5.62 -7.24 -20.29
C ASN A 40 -6.91 -7.76 -19.68
N LEU A 41 -6.82 -8.42 -18.52
CA LEU A 41 -8.02 -8.95 -17.88
C LEU A 41 -8.91 -7.85 -17.35
N VAL A 42 -8.33 -6.73 -16.90
CA VAL A 42 -9.14 -5.61 -16.44
C VAL A 42 -9.81 -4.92 -17.62
N GLU A 43 -9.09 -4.76 -18.72
CA GLU A 43 -9.66 -4.08 -19.89
C GLU A 43 -10.70 -4.94 -20.59
N HIS A 44 -10.48 -6.25 -20.64
CA HIS A 44 -11.41 -7.19 -21.26
C HIS A 44 -11.70 -8.31 -20.28
N PRO A 45 -12.76 -8.18 -19.47
CA PRO A 45 -13.08 -9.22 -18.49
C PRO A 45 -13.34 -10.57 -19.14
N ASN A 46 -12.86 -11.62 -18.49
CA ASN A 46 -13.05 -13.00 -18.95
C ASN A 46 -13.96 -13.70 -17.95
N ASP A 47 -15.08 -14.24 -18.43
CA ASP A 47 -16.03 -14.92 -17.57
C ASP A 47 -15.45 -16.17 -16.92
N LYS A 48 -14.30 -16.67 -17.41
CA LYS A 48 -13.67 -17.83 -16.81
C LYS A 48 -12.82 -17.49 -15.60
N LYS A 49 -12.42 -16.23 -15.46
CA LYS A 49 -11.44 -15.83 -14.45
C LYS A 49 -12.00 -14.72 -13.58
N LEU A 50 -11.44 -14.61 -12.37
CA LEU A 50 -11.83 -13.58 -11.41
C LEU A 50 -10.59 -13.08 -10.69
N LEU A 51 -10.40 -11.76 -10.68
CA LEU A 51 -9.30 -11.14 -9.97
C LEU A 51 -9.75 -10.85 -8.54
N VAL A 52 -9.09 -11.49 -7.57
CA VAL A 52 -9.49 -11.44 -6.17
C VAL A 52 -8.53 -10.52 -5.41
N ASP A 53 -9.07 -9.46 -4.83
CA ASP A 53 -8.32 -8.57 -3.96
C ASP A 53 -8.48 -9.05 -2.53
N VAL A 54 -7.35 -9.37 -1.87
CA VAL A 54 -7.38 -9.93 -0.53
C VAL A 54 -7.04 -8.90 0.54
N ARG A 55 -6.86 -7.64 0.16
CA ARG A 55 -6.62 -6.60 1.14
C ARG A 55 -7.87 -6.37 1.99
N GLU A 56 -7.70 -5.64 3.09
CA GLU A 56 -8.83 -5.26 3.90
C GLU A 56 -9.65 -4.17 3.20
N PRO A 57 -10.96 -4.16 3.40
CA PRO A 57 -11.78 -3.11 2.78
C PRO A 57 -11.30 -1.71 3.10
N LYS A 58 -10.62 -1.55 4.25
CA LYS A 58 -10.04 -0.26 4.59
C LYS A 58 -9.00 0.18 3.56
N GLU A 59 -8.21 -0.76 3.04
CA GLU A 59 -7.23 -0.42 2.03
C GLU A 59 -7.85 -0.28 0.64
N VAL A 60 -8.94 -1.01 0.37
CA VAL A 60 -9.62 -0.88 -0.91
C VAL A 60 -10.23 0.49 -1.11
N LYS A 61 -10.49 1.22 -0.02
CA LYS A 61 -11.02 2.57 -0.14
C LYS A 61 -10.02 3.50 -0.82
N ASP A 62 -8.72 3.25 -0.67
CA ASP A 62 -7.72 4.11 -1.30
C ASP A 62 -7.67 3.87 -2.81
N TYR A 63 -7.71 2.62 -3.24
CA TYR A 63 -7.77 2.29 -4.66
C TYR A 63 -8.30 0.88 -4.82
N LYS A 64 -9.35 0.73 -5.61
CA LYS A 64 -9.89 -0.57 -5.99
C LYS A 64 -9.55 -0.82 -7.46
N MET A 65 -8.87 -1.92 -7.73
CA MET A 65 -8.63 -2.30 -9.11
C MET A 65 -9.96 -2.68 -9.75
N PRO A 66 -10.36 -2.04 -10.84
CA PRO A 66 -11.68 -2.33 -11.42
C PRO A 66 -11.83 -3.80 -11.81
N THR A 67 -13.07 -4.28 -11.73
CA THR A 67 -13.50 -5.66 -12.01
C THR A 67 -13.06 -6.65 -10.94
N THR A 68 -12.42 -6.21 -9.86
CA THR A 68 -12.01 -7.13 -8.81
C THR A 68 -13.14 -7.36 -7.81
N ILE A 69 -13.06 -8.49 -7.12
CA ILE A 69 -13.89 -8.78 -5.96
C ILE A 69 -12.99 -8.77 -4.74
N ASN A 70 -13.52 -8.28 -3.61
CA ASN A 70 -12.76 -8.13 -2.39
C ASN A 70 -13.11 -9.26 -1.43
N ILE A 71 -12.13 -10.13 -1.17
CA ILE A 71 -12.27 -11.18 -0.18
C ILE A 71 -11.10 -11.04 0.79
N PRO A 72 -11.27 -10.33 1.91
CA PRO A 72 -10.12 -10.07 2.79
C PRO A 72 -9.70 -11.32 3.53
N VAL A 73 -8.40 -11.65 3.40
CA VAL A 73 -7.89 -12.89 3.97
C VAL A 73 -7.68 -12.76 5.48
N ASN A 74 -7.22 -11.59 5.95
CA ASN A 74 -7.03 -11.39 7.37
C ASN A 74 -8.36 -11.40 8.12
N SER A 75 -9.36 -10.69 7.60
CA SER A 75 -10.65 -10.61 8.27
C SER A 75 -11.41 -11.93 8.18
N ALA A 76 -11.56 -12.45 6.96
CA ALA A 76 -12.36 -13.65 6.71
C ALA A 76 -11.55 -14.67 5.92
N PRO A 77 -10.65 -15.40 6.58
CA PRO A 77 -9.89 -16.45 5.87
C PRO A 77 -10.73 -17.64 5.46
N GLY A 78 -11.84 -17.92 6.14
CA GLY A 78 -12.71 -19.00 5.74
C GLY A 78 -13.85 -18.55 4.85
N ALA A 79 -13.67 -17.40 4.18
CA ALA A 79 -14.74 -16.83 3.36
C ALA A 79 -15.14 -17.78 2.23
N LEU A 80 -14.16 -18.29 1.48
CA LEU A 80 -14.46 -19.16 0.36
C LEU A 80 -14.98 -20.53 0.79
N GLY A 81 -15.10 -20.78 2.10
CA GLY A 81 -15.76 -21.95 2.63
C GLY A 81 -17.15 -21.69 3.14
N LEU A 82 -17.65 -20.46 3.03
CA LEU A 82 -18.97 -20.12 3.53
C LEU A 82 -20.05 -20.75 2.66
N PRO A 83 -21.22 -21.05 3.23
CA PRO A 83 -22.37 -21.43 2.40
C PRO A 83 -22.73 -20.32 1.42
N GLU A 84 -23.36 -20.71 0.32
CA GLU A 84 -23.58 -19.79 -0.80
C GLU A 84 -24.41 -18.59 -0.39
N LYS A 85 -25.55 -18.83 0.27
CA LYS A 85 -26.41 -17.70 0.61
C LYS A 85 -25.76 -16.77 1.62
N GLU A 86 -25.08 -17.31 2.62
CA GLU A 86 -24.40 -16.47 3.60
C GLU A 86 -23.21 -15.74 2.98
N PHE A 87 -22.54 -16.36 2.00
CA PHE A 87 -21.49 -15.66 1.28
C PHE A 87 -22.04 -14.41 0.59
N HIS A 88 -23.21 -14.54 -0.05
CA HIS A 88 -23.80 -13.39 -0.72
C HIS A 88 -24.29 -12.35 0.28
N LYS A 89 -24.72 -12.78 1.46
CA LYS A 89 -25.18 -11.82 2.47
C LYS A 89 -24.00 -11.09 3.10
N VAL A 90 -22.88 -11.79 3.29
CA VAL A 90 -21.74 -11.18 3.96
C VAL A 90 -20.99 -10.25 3.02
N PHE A 91 -20.85 -10.63 1.75
CA PHE A 91 -20.02 -9.89 0.80
C PHE A 91 -20.80 -9.13 -0.27
N GLN A 92 -22.09 -9.45 -0.45
CA GLN A 92 -22.93 -8.78 -1.45
C GLN A 92 -22.44 -9.00 -2.87
N PHE A 93 -21.92 -10.20 -3.14
CA PHE A 93 -21.79 -10.71 -4.49
C PHE A 93 -21.83 -12.22 -4.43
N ALA A 94 -21.97 -12.85 -5.60
CA ALA A 94 -22.17 -14.29 -5.65
C ALA A 94 -20.88 -15.02 -5.27
N LYS A 95 -21.04 -16.10 -4.51
CA LYS A 95 -19.93 -16.99 -4.23
C LYS A 95 -19.45 -17.60 -5.54
N PRO A 96 -18.19 -17.38 -5.94
CA PRO A 96 -17.74 -17.85 -7.25
C PRO A 96 -17.86 -19.37 -7.37
N PRO A 97 -18.31 -19.86 -8.51
CA PRO A 97 -18.31 -21.31 -8.74
C PRO A 97 -16.89 -21.86 -8.67
N HIS A 98 -16.78 -23.13 -8.28
CA HIS A 98 -15.48 -23.73 -8.06
C HIS A 98 -14.72 -24.02 -9.35
N ASP A 99 -15.34 -23.80 -10.51
CA ASP A 99 -14.63 -23.91 -11.77
C ASP A 99 -13.98 -22.61 -12.20
N LYS A 100 -14.38 -21.48 -11.61
CA LYS A 100 -13.77 -20.20 -11.95
C LYS A 100 -12.30 -20.19 -11.52
N GLU A 101 -11.48 -19.46 -12.29
CA GLU A 101 -10.09 -19.28 -11.95
C GLU A 101 -9.96 -18.02 -11.10
N LEU A 102 -9.58 -18.19 -9.83
CA LEU A 102 -9.39 -17.07 -8.92
C LEU A 102 -7.94 -16.64 -8.97
N ILE A 103 -7.69 -15.42 -9.44
CA ILE A 103 -6.35 -14.86 -9.54
C ILE A 103 -6.19 -13.87 -8.39
N PHE A 104 -5.30 -14.19 -7.46
CA PHE A 104 -5.14 -13.42 -6.23
C PHE A 104 -4.08 -12.35 -6.45
N LEU A 105 -4.50 -11.11 -6.31
CA LEU A 105 -3.58 -9.98 -6.45
C LEU A 105 -2.69 -9.98 -5.24
N CSS A 106 -1.45 -9.54 -5.39
CA CSS A 106 -0.63 -9.48 -4.18
CB CSS A 106 0.83 -9.75 -4.36
SG CSS A 106 1.40 -11.13 -3.35
SD CSS A 106 3.18 -11.96 -3.91
C CSS A 106 -1.00 -8.30 -3.30
O CSS A 106 -1.49 -7.24 -3.71
N ALA A 107 -0.81 -8.52 -2.02
CA ALA A 107 -0.94 -7.42 -1.08
C ALA A 107 0.53 -7.24 -0.72
N LYS A 108 0.80 -7.31 0.55
CA LYS A 108 2.20 -7.33 0.94
C LYS A 108 2.36 -8.33 2.08
N GLY A 109 3.45 -9.07 2.06
CA GLY A 109 3.62 -10.19 2.98
C GLY A 109 3.13 -11.49 2.36
N VAL A 110 2.45 -12.30 3.15
CA VAL A 110 2.01 -13.62 2.72
C VAL A 110 0.50 -13.69 2.58
N ARG A 111 -0.17 -12.54 2.44
CA ARG A 111 -1.63 -12.52 2.41
C ARG A 111 -2.17 -13.24 1.18
N ALA A 112 -1.68 -12.87 -0.01
CA ALA A 112 -2.18 -13.50 -1.23
C ALA A 112 -1.80 -14.98 -1.29
N LYS A 113 -0.60 -15.31 -0.82
CA LYS A 113 -0.18 -16.71 -0.79
C LYS A 113 -1.08 -17.52 0.13
N THR A 114 -1.50 -16.94 1.25
CA THR A 114 -2.38 -17.65 2.17
C THR A 114 -3.78 -17.78 1.60
N ALA A 115 -4.26 -16.76 0.90
CA ALA A 115 -5.61 -16.81 0.34
C ALA A 115 -5.72 -17.85 -0.77
N GLU A 116 -4.69 -17.94 -1.62
CA GLU A 116 -4.70 -18.95 -2.67
C GLU A 116 -4.69 -20.36 -2.08
N GLU A 117 -3.86 -20.58 -1.06
CA GLU A 117 -3.82 -21.89 -0.42
C GLU A 117 -5.16 -22.22 0.22
N LEU A 118 -5.81 -21.22 0.82
CA LEU A 118 -7.13 -21.46 1.40
C LEU A 118 -8.17 -21.73 0.33
N ALA A 119 -8.04 -21.07 -0.84
CA ALA A 119 -8.97 -21.34 -1.94
C ALA A 119 -8.87 -22.78 -2.40
N ARG A 120 -7.65 -23.31 -2.54
CA ARG A 120 -7.48 -24.70 -2.92
C ARG A 120 -7.96 -25.64 -1.83
N SER A 121 -7.93 -25.20 -0.57
CA SER A 121 -8.45 -26.01 0.52
C SER A 121 -9.97 -26.10 0.51
N TYR A 122 -10.65 -25.26 -0.28
CA TYR A 122 -12.10 -25.25 -0.35
C TYR A 122 -12.63 -25.74 -1.69
N GLY A 123 -11.78 -26.38 -2.50
CA GLY A 123 -12.22 -26.91 -3.77
C GLY A 123 -11.95 -26.05 -4.97
N TYR A 124 -11.39 -24.85 -4.79
CA TYR A 124 -11.02 -23.98 -5.91
C TYR A 124 -9.64 -24.41 -6.38
N GLU A 125 -9.60 -25.33 -7.35
CA GLU A 125 -8.35 -25.88 -7.82
C GLU A 125 -7.78 -25.18 -9.05
N ASN A 126 -8.52 -24.23 -9.62
CA ASN A 126 -8.05 -23.40 -10.73
C ASN A 126 -7.76 -22.02 -10.16
N THR A 127 -6.48 -21.74 -9.91
CA THR A 127 -6.07 -20.50 -9.25
C THR A 127 -4.90 -19.86 -9.99
N GLY A 128 -4.73 -18.55 -9.72
CA GLY A 128 -3.60 -17.82 -10.24
C GLY A 128 -3.13 -16.79 -9.22
N ILE A 129 -1.99 -16.18 -9.51
CA ILE A 129 -1.40 -15.17 -8.61
C ILE A 129 -0.74 -14.09 -9.45
N TYR A 130 -1.04 -12.83 -9.11
CA TYR A 130 -0.29 -11.70 -9.63
C TYR A 130 0.69 -11.25 -8.56
N PRO A 131 2.00 -11.51 -8.71
CA PRO A 131 2.93 -11.20 -7.62
C PRO A 131 3.04 -9.73 -7.28
N GLY A 132 2.65 -8.84 -8.18
CA GLY A 132 2.79 -7.41 -7.92
C GLY A 132 1.80 -6.93 -6.87
N SER A 133 2.25 -6.02 -6.02
CA SER A 133 1.37 -5.39 -5.06
C SER A 133 0.56 -4.28 -5.74
N ILE A 134 -0.49 -3.83 -5.04
CA ILE A 134 -1.29 -2.73 -5.56
C ILE A 134 -0.44 -1.49 -5.74
N THR A 135 0.48 -1.24 -4.81
CA THR A 135 1.43 -0.13 -4.96
C THR A 135 2.29 -0.32 -6.20
N GLU A 136 2.80 -1.53 -6.41
CA GLU A 136 3.57 -1.82 -7.62
C GLU A 136 2.71 -1.68 -8.87
N TRP A 137 1.45 -2.12 -8.79
CA TRP A 137 0.55 -2.00 -9.93
C TRP A 137 0.30 -0.53 -10.27
N LEU A 138 -0.01 0.28 -9.27
CA LEU A 138 -0.26 1.69 -9.50
C LEU A 138 1.01 2.42 -9.93
N ALA A 139 2.18 1.97 -9.48
CA ALA A 139 3.43 2.61 -9.89
C ALA A 139 3.71 2.41 -11.37
N LYS A 140 3.22 1.31 -11.95
CA LYS A 140 3.42 1.02 -13.37
C LYS A 140 2.29 1.53 -14.24
N GLY A 141 1.47 2.46 -13.73
CA GLY A 141 0.42 3.07 -14.51
C GLY A 141 -0.94 2.43 -14.41
N GLY A 142 -1.16 1.55 -13.43
CA GLY A 142 -2.43 0.86 -13.32
C GLY A 142 -3.59 1.73 -12.84
N ALA A 143 -3.33 2.97 -12.46
CA ALA A 143 -4.39 3.83 -11.94
C ALA A 143 -5.44 4.14 -13.01
N ASP A 144 -5.02 4.27 -14.26
CA ASP A 144 -5.94 4.59 -15.35
C ASP A 144 -6.28 3.38 -16.21
N VAL A 145 -5.96 2.18 -15.75
CA VAL A 145 -6.41 0.96 -16.42
C VAL A 145 -7.87 0.73 -16.06
N LYS A 146 -8.73 0.65 -17.07
CA LYS A 146 -10.16 0.50 -16.88
C LYS A 146 -10.70 -0.43 -17.96
N PRO A 147 -11.87 -1.04 -17.72
CA PRO A 147 -12.45 -1.84 -18.81
C PRO A 147 -13.03 -0.96 -19.90
N PHE B 25 8.99 19.62 23.25
CA PHE B 25 7.74 18.93 22.95
C PHE B 25 6.59 19.92 22.88
N THR B 26 6.48 20.62 21.75
CA THR B 26 5.46 21.65 21.61
C THR B 26 4.06 21.03 21.51
N THR B 27 3.06 21.88 21.69
CA THR B 27 1.66 21.49 21.56
C THR B 27 1.10 21.79 20.18
N LYS B 28 1.91 22.36 19.29
CA LYS B 28 1.43 22.73 17.97
C LYS B 28 1.23 21.48 17.12
N ALA B 29 -0.02 21.23 16.72
CA ALA B 29 -0.31 20.10 15.87
C ALA B 29 0.33 20.28 14.49
N PRO B 30 0.62 19.20 13.78
CA PRO B 30 1.29 19.33 12.48
C PRO B 30 0.38 19.98 11.45
N LYS B 31 1.00 20.70 10.51
CA LYS B 31 0.28 21.32 9.42
C LYS B 31 -0.20 20.26 8.44
N ILE B 32 -1.46 20.34 8.04
CA ILE B 32 -2.07 19.36 7.15
C ILE B 32 -1.81 19.77 5.71
N TYR B 33 -1.13 18.92 4.96
CA TYR B 33 -0.83 19.16 3.56
C TYR B 33 -1.81 18.38 2.67
N THR B 34 -2.00 18.88 1.46
CA THR B 34 -2.88 18.25 0.49
C THR B 34 -2.04 17.63 -0.64
N PHE B 35 -2.74 17.01 -1.60
CA PHE B 35 -2.06 16.39 -2.73
C PHE B 35 -1.27 17.42 -3.52
N ASP B 36 -1.89 18.56 -3.84
CA ASP B 36 -1.23 19.58 -4.65
C ASP B 36 0.00 20.14 -3.94
N GLN B 37 -0.10 20.36 -2.63
CA GLN B 37 1.04 20.89 -1.88
C GLN B 37 2.20 19.89 -1.87
N VAL B 38 1.90 18.60 -1.76
CA VAL B 38 2.94 17.59 -1.84
C VAL B 38 3.47 17.48 -3.26
N ARG B 39 2.58 17.56 -4.25
CA ARG B 39 3.01 17.56 -5.65
C ARG B 39 3.86 18.78 -5.96
N ASN B 40 3.55 19.92 -5.34
CA ASN B 40 4.37 21.11 -5.54
C ASN B 40 5.74 20.95 -4.88
N LEU B 41 5.78 20.32 -3.71
CA LEU B 41 7.06 20.13 -3.01
C LEU B 41 7.93 19.11 -3.70
N VAL B 42 7.32 18.10 -4.34
CA VAL B 42 8.12 17.13 -5.09
C VAL B 42 8.66 17.75 -6.37
N GLU B 43 7.84 18.54 -7.06
CA GLU B 43 8.28 19.16 -8.31
C GLU B 43 9.27 20.29 -8.05
N HIS B 44 9.07 21.05 -6.97
CA HIS B 44 9.96 22.15 -6.59
C HIS B 44 10.39 21.95 -5.14
N PRO B 45 11.49 21.24 -4.92
CA PRO B 45 11.95 21.01 -3.54
C PRO B 45 12.24 22.30 -2.81
N ASN B 46 11.85 22.34 -1.53
CA ASN B 46 12.11 23.47 -0.65
C ASN B 46 13.15 23.07 0.37
N ASP B 47 14.21 23.88 0.49
CA ASP B 47 15.31 23.55 1.39
C ASP B 47 14.92 23.66 2.87
N LYS B 48 13.72 24.16 3.18
CA LYS B 48 13.26 24.25 4.56
C LYS B 48 12.36 23.08 4.95
N LYS B 49 11.89 22.28 3.99
CA LYS B 49 10.94 21.21 4.24
C LYS B 49 11.50 19.88 3.77
N LEU B 50 11.07 18.80 4.42
CA LEU B 50 11.51 17.45 4.08
C LEU B 50 10.31 16.52 4.14
N LEU B 51 10.05 15.80 3.05
CA LEU B 51 9.01 14.79 3.03
C LEU B 51 9.57 13.49 3.59
N VAL B 52 8.99 13.01 4.69
CA VAL B 52 9.49 11.84 5.40
C VAL B 52 8.56 10.67 5.13
N ASP B 53 9.11 9.61 4.55
CA ASP B 53 8.37 8.37 4.34
C ASP B 53 8.64 7.45 5.52
N VAL B 54 7.58 7.06 6.23
CA VAL B 54 7.71 6.26 7.44
C VAL B 54 7.43 4.79 7.19
N ARG B 55 7.24 4.40 5.93
CA ARG B 55 7.03 2.99 5.61
C ARG B 55 8.33 2.20 5.80
N GLU B 56 8.20 0.88 5.77
CA GLU B 56 9.37 0.02 5.80
C GLU B 56 10.09 0.06 4.46
N PRO B 57 11.42 -0.08 4.46
CA PRO B 57 12.15 -0.11 3.17
C PRO B 57 11.62 -1.17 2.23
N LYS B 58 11.01 -2.23 2.77
CA LYS B 58 10.42 -3.26 1.92
C LYS B 58 9.29 -2.69 1.06
N GLU B 59 8.48 -1.81 1.64
CA GLU B 59 7.38 -1.20 0.89
C GLU B 59 7.88 -0.12 -0.08
N VAL B 60 8.97 0.57 0.27
CA VAL B 60 9.48 1.63 -0.58
C VAL B 60 10.03 1.06 -1.90
N LYS B 61 10.39 -0.22 -1.93
CA LYS B 61 10.85 -0.83 -3.17
C LYS B 61 9.74 -0.85 -4.22
N ASP B 62 8.48 -0.91 -3.79
CA ASP B 62 7.38 -0.91 -4.74
C ASP B 62 7.16 0.47 -5.34
N TYR B 63 7.29 1.53 -4.54
CA TYR B 63 7.23 2.89 -5.05
C TYR B 63 7.86 3.83 -4.02
N LYS B 64 8.81 4.63 -4.46
CA LYS B 64 9.41 5.68 -3.64
C LYS B 64 9.00 7.03 -4.22
N MET B 65 8.31 7.83 -3.41
CA MET B 65 7.99 9.19 -3.82
C MET B 65 9.30 9.98 -3.92
N PRO B 66 9.61 10.58 -5.07
CA PRO B 66 10.89 11.27 -5.23
C PRO B 66 11.06 12.39 -4.22
N THR B 67 12.33 12.65 -3.88
CA THR B 67 12.80 13.65 -2.92
C THR B 67 12.47 13.28 -1.47
N THR B 68 11.82 12.15 -1.22
CA THR B 68 11.50 11.78 0.15
C THR B 68 12.68 11.07 0.80
N ILE B 69 12.69 11.10 2.13
CA ILE B 69 13.64 10.34 2.93
C ILE B 69 12.86 9.28 3.70
N ASN B 70 13.50 8.12 3.86
CA ASN B 70 12.85 6.96 4.46
C ASN B 70 13.32 6.80 5.90
N ILE B 71 12.44 7.10 6.85
CA ILE B 71 12.68 6.86 8.26
C ILE B 71 11.59 5.93 8.77
N PRO B 72 11.81 4.62 8.78
CA PRO B 72 10.73 3.69 9.12
C PRO B 72 10.38 3.76 10.60
N VAL B 73 9.10 3.93 10.89
CA VAL B 73 8.66 4.14 12.27
C VAL B 73 8.59 2.82 13.03
N ASN B 74 8.19 1.74 12.35
CA ASN B 74 8.06 0.45 13.04
C ASN B 74 9.42 -0.13 13.42
N SER B 75 10.40 -0.07 12.51
CA SER B 75 11.73 -0.61 12.76
C SER B 75 12.57 0.31 13.63
N ALA B 76 12.55 1.61 13.36
CA ALA B 76 13.38 2.58 14.05
C ALA B 76 12.53 3.74 14.54
N PRO B 77 11.72 3.52 15.58
CA PRO B 77 10.93 4.63 16.14
C PRO B 77 11.78 5.67 16.86
N GLY B 78 12.98 5.31 17.31
CA GLY B 78 13.86 6.27 17.93
C GLY B 78 14.92 6.80 16.98
N ALA B 79 14.65 6.71 15.67
CA ALA B 79 15.64 7.13 14.68
C ALA B 79 15.98 8.61 14.83
N LEU B 80 14.97 9.47 14.90
CA LEU B 80 15.21 10.91 15.03
C LEU B 80 15.83 11.29 16.36
N GLY B 81 15.97 10.34 17.29
CA GLY B 81 16.71 10.54 18.51
C GLY B 81 18.14 10.07 18.47
N LEU B 82 18.58 9.50 17.35
CA LEU B 82 19.94 9.02 17.22
C LEU B 82 20.92 10.20 17.14
N PRO B 83 22.15 10.04 17.65
CA PRO B 83 23.17 11.07 17.43
C PRO B 83 23.48 11.22 15.94
N GLU B 84 23.97 12.40 15.58
CA GLU B 84 24.14 12.74 14.17
C GLU B 84 25.05 11.74 13.46
N LYS B 85 26.16 11.37 14.10
CA LYS B 85 27.14 10.53 13.43
C LYS B 85 26.61 9.12 13.19
N GLU B 86 25.89 8.55 14.16
CA GLU B 86 25.33 7.22 13.96
C GLU B 86 24.16 7.26 13.00
N PHE B 87 23.36 8.34 13.04
CA PHE B 87 22.24 8.49 12.12
C PHE B 87 22.70 8.37 10.67
N HIS B 88 23.80 9.06 10.33
CA HIS B 88 24.30 8.99 8.97
C HIS B 88 24.77 7.58 8.61
N LYS B 89 25.37 6.88 9.58
CA LYS B 89 25.81 5.51 9.30
C LYS B 89 24.63 4.56 9.18
N VAL B 90 23.50 4.85 9.83
CA VAL B 90 22.38 3.93 9.80
C VAL B 90 21.55 4.11 8.53
N PHE B 91 21.31 5.35 8.12
CA PHE B 91 20.44 5.63 6.98
C PHE B 91 21.18 6.17 5.76
N GLN B 92 22.46 6.52 5.89
CA GLN B 92 23.27 7.03 4.78
C GLN B 92 22.74 8.35 4.22
N PHE B 93 22.04 9.11 5.05
CA PHE B 93 21.79 10.52 4.77
C PHE B 93 21.89 11.29 6.09
N ALA B 94 21.98 12.61 5.98
CA ALA B 94 22.23 13.43 7.14
C ALA B 94 21.00 13.52 8.03
N LYS B 95 21.24 13.55 9.34
CA LYS B 95 20.15 13.77 10.29
C LYS B 95 19.62 15.19 10.10
N PRO B 96 18.34 15.37 9.86
CA PRO B 96 17.81 16.72 9.62
C PRO B 96 18.02 17.62 10.81
N PRO B 97 18.43 18.87 10.58
CA PRO B 97 18.46 19.84 11.68
C PRO B 97 17.05 20.08 12.20
N HIS B 98 16.97 20.38 13.50
CA HIS B 98 15.68 20.44 14.17
C HIS B 98 14.82 21.62 13.73
N ASP B 99 15.33 22.50 12.87
CA ASP B 99 14.52 23.58 12.34
C ASP B 99 13.81 23.23 11.03
N LYS B 100 14.24 22.15 10.37
CA LYS B 100 13.57 21.72 9.15
C LYS B 100 12.16 21.25 9.45
N GLU B 101 11.26 21.45 8.49
CA GLU B 101 9.88 21.02 8.60
C GLU B 101 9.78 19.59 8.08
N LEU B 102 9.50 18.65 8.98
CA LEU B 102 9.35 17.24 8.62
C LEU B 102 7.88 16.97 8.32
N ILE B 103 7.57 16.67 7.07
CA ILE B 103 6.21 16.39 6.63
C ILE B 103 6.09 14.89 6.44
N PHE B 104 5.25 14.25 7.24
CA PHE B 104 5.15 12.80 7.28
C PHE B 104 4.02 12.33 6.38
N LEU B 105 4.34 11.45 5.46
CA LEU B 105 3.34 10.87 4.55
C LEU B 105 2.61 9.78 5.29
N CSS B 106 1.40 9.44 4.89
CA CSS B 106 0.63 8.39 5.55
CB CSS B 106 -0.82 8.70 5.78
SG CSS B 106 -1.08 9.09 7.52
SD CSS B 106 -3.03 9.40 8.05
C CSS B 106 0.98 6.93 5.20
O CSS B 106 1.43 6.63 4.09
N ALA B 107 0.86 6.07 6.20
CA ALA B 107 1.05 4.65 5.95
C ALA B 107 0.15 3.87 6.89
N LYS B 108 -0.95 3.36 6.35
CA LYS B 108 -2.08 2.81 7.12
C LYS B 108 -2.32 3.61 8.40
N GLY B 109 -2.38 4.93 8.25
CA GLY B 109 -2.86 5.82 9.29
C GLY B 109 -1.93 6.07 10.47
N VAL B 110 -1.92 5.14 11.43
CA VAL B 110 -1.34 5.41 12.74
C VAL B 110 0.17 5.55 12.67
N ARG B 111 0.81 4.92 11.68
CA ARG B 111 2.27 4.95 11.60
C ARG B 111 2.79 6.38 11.47
N ALA B 112 2.23 7.15 10.53
CA ALA B 112 2.67 8.53 10.35
C ALA B 112 2.34 9.37 11.57
N LYS B 113 1.17 9.14 12.17
CA LYS B 113 0.80 9.88 13.38
C LYS B 113 1.78 9.59 14.52
N THR B 114 2.26 8.35 14.61
CA THR B 114 3.23 8.00 15.64
C THR B 114 4.58 8.62 15.36
N ALA B 115 5.00 8.65 14.09
CA ALA B 115 6.31 9.21 13.75
C ALA B 115 6.34 10.72 13.99
N GLU B 116 5.24 11.41 13.71
CA GLU B 116 5.19 12.85 13.95
C GLU B 116 5.30 13.16 15.43
N GLU B 117 4.57 12.42 16.28
CA GLU B 117 4.66 12.65 17.72
C GLU B 117 6.06 12.36 18.23
N LEU B 118 6.71 11.32 17.68
CA LEU B 118 8.08 11.02 18.07
C LEU B 118 9.03 12.12 17.62
N ALA B 119 8.78 12.69 16.44
CA ALA B 119 9.62 13.79 15.96
C ALA B 119 9.54 14.99 16.90
N ARG B 120 8.35 15.32 17.38
CA ARG B 120 8.20 16.41 18.33
C ARG B 120 8.83 16.06 19.68
N SER B 121 8.89 14.77 20.01
CA SER B 121 9.54 14.34 21.25
C SER B 121 11.05 14.44 21.20
N TYR B 122 11.62 14.68 20.01
CA TYR B 122 13.07 14.76 19.85
C TYR B 122 13.53 16.17 19.49
N GLY B 123 12.66 17.17 19.57
CA GLY B 123 13.01 18.54 19.30
C GLY B 123 12.52 19.08 17.97
N TYR B 124 12.01 18.23 17.09
CA TYR B 124 11.49 18.68 15.80
C TYR B 124 10.07 19.20 16.03
N GLU B 125 9.95 20.51 16.22
CA GLU B 125 8.66 21.13 16.50
C GLU B 125 8.03 21.80 15.29
N ASN B 126 8.73 21.83 14.16
CA ASN B 126 8.16 22.28 12.89
C ASN B 126 7.85 21.03 12.08
N THR B 127 6.58 20.60 12.11
CA THR B 127 6.18 19.34 11.50
C THR B 127 4.93 19.53 10.66
N GLY B 128 4.78 18.65 9.67
CA GLY B 128 3.57 18.59 8.87
C GLY B 128 3.17 17.15 8.62
N ILE B 129 2.00 16.98 8.04
CA ILE B 129 1.45 15.65 7.79
C ILE B 129 0.63 15.67 6.51
N TYR B 130 0.91 14.73 5.61
CA TYR B 130 0.07 14.50 4.44
C TYR B 130 -0.85 13.33 4.73
N PRO B 131 -2.16 13.55 4.93
CA PRO B 131 -3.04 12.45 5.32
C PRO B 131 -3.19 11.35 4.29
N GLY B 132 -2.84 11.61 3.03
CA GLY B 132 -3.03 10.61 2.00
C GLY B 132 -1.98 9.51 2.10
N SER B 133 -2.40 8.28 1.82
CA SER B 133 -1.48 7.16 1.76
C SER B 133 -0.78 7.13 0.41
N ILE B 134 0.28 6.32 0.34
CA ILE B 134 0.99 6.16 -0.93
C ILE B 134 0.05 5.58 -1.98
N THR B 135 -0.81 4.64 -1.59
CA THR B 135 -1.79 4.11 -2.53
C THR B 135 -2.75 5.20 -3.01
N GLU B 136 -3.19 6.07 -2.10
CA GLU B 136 -4.03 7.19 -2.51
C GLU B 136 -3.25 8.18 -3.36
N TRP B 137 -1.98 8.41 -3.02
CA TRP B 137 -1.14 9.30 -3.81
C TRP B 137 -0.97 8.79 -5.23
N LEU B 138 -0.68 7.49 -5.37
CA LEU B 138 -0.51 6.91 -6.70
C LEU B 138 -1.83 6.83 -7.46
N ALA B 139 -2.95 6.70 -6.74
CA ALA B 139 -4.24 6.62 -7.41
C ALA B 139 -4.64 7.94 -8.04
N LYS B 140 -4.15 9.05 -7.51
CA LYS B 140 -4.45 10.37 -8.03
C LYS B 140 -3.41 10.87 -9.02
N GLY B 141 -2.54 9.99 -9.52
CA GLY B 141 -1.53 10.36 -10.48
C GLY B 141 -0.16 10.69 -9.92
N GLY B 142 0.16 10.20 -8.72
CA GLY B 142 1.45 10.51 -8.13
C GLY B 142 2.63 9.83 -8.79
N ALA B 143 2.38 8.75 -9.54
CA ALA B 143 3.48 8.03 -10.19
C ALA B 143 4.16 8.89 -11.25
N ASP B 144 3.42 9.81 -11.86
CA ASP B 144 3.97 10.70 -12.87
C ASP B 144 4.61 11.95 -12.29
N VAL B 145 4.47 12.20 -10.99
CA VAL B 145 5.05 13.37 -10.36
C VAL B 145 6.54 13.14 -10.16
N LYS B 146 7.36 14.08 -10.61
CA LYS B 146 8.80 14.00 -10.49
C LYS B 146 9.34 15.43 -10.41
N PRO B 147 10.53 15.60 -9.82
CA PRO B 147 11.06 16.98 -9.79
C PRO B 147 11.56 17.42 -11.15
#